data_8GJG
#
_entry.id   8GJG
#
_cell.length_a   37.793
_cell.length_b   45.900
_cell.length_c   63.607
_cell.angle_alpha   90.000
_cell.angle_beta   97.311
_cell.angle_gamma   90.000
#
_symmetry.space_group_name_H-M   'P 1 21 1'
#
loop_
_entity.id
_entity.type
_entity.pdbx_description
1 polymer 'gluc_A04_0005 Binder'
2 polymer gluc_A04_0005
3 water water
#
loop_
_entity_poly.entity_id
_entity_poly.type
_entity_poly.pdbx_seq_one_letter_code
_entity_poly.pdbx_strand_id
1 'polypeptide(L)'
;MSGMLDELFSLLNKMFELSDKYRELRKELRKAIESGAPEEELRELLEKMLEIAKKLLELTKELKKLVEDVLKNNPDPVER
AKAVLLYAVGVHILYSESSELEVIAERLGFKDIAEKAKEIADKARELKEEVKRKLREIREEVPDPEIRKAAEEAIEMLES
NDKRLKEFRKLHSQ
;
A
2 'polypeptide(L)' GFTSDYSKYLDSRRAQDFVQWLMNT B
#
# COMPACT_ATOMS: atom_id res chain seq x y z
N MET A 4 -0.54 -15.31 15.07
CA MET A 4 -0.90 -13.96 15.49
C MET A 4 -0.36 -12.92 14.51
N LEU A 5 0.38 -11.94 15.04
CA LEU A 5 0.94 -10.89 14.19
C LEU A 5 1.97 -11.43 13.20
N ASP A 6 2.53 -12.62 13.46
CA ASP A 6 3.52 -13.18 12.55
C ASP A 6 2.92 -13.40 11.16
N GLU A 7 1.68 -13.90 11.10
CA GLU A 7 1.05 -14.09 9.80
C GLU A 7 0.80 -12.76 9.10
N LEU A 8 0.53 -11.70 9.86
CA LEU A 8 0.38 -10.38 9.25
C LEU A 8 1.70 -9.91 8.64
N PHE A 9 2.80 -10.15 9.35
CA PHE A 9 4.11 -9.77 8.82
C PHE A 9 4.44 -10.53 7.56
N SER A 10 4.11 -11.82 7.51
CA SER A 10 4.38 -12.64 6.33
C SER A 10 3.67 -12.09 5.11
N LEU A 11 2.35 -11.84 5.23
CA LEU A 11 1.63 -11.23 4.12
C LEU A 11 2.24 -9.88 3.74
N LEU A 12 2.67 -9.10 4.73
CA LEU A 12 3.20 -7.77 4.43
C LEU A 12 4.54 -7.87 3.70
N ASN A 13 5.36 -8.87 4.02
CA ASN A 13 6.59 -9.06 3.27
C ASN A 13 6.31 -9.34 1.80
N LYS A 14 5.30 -10.16 1.50
CA LYS A 14 4.90 -10.38 0.12
C LYS A 14 4.53 -9.07 -0.55
N MET A 15 3.74 -8.24 0.13
CA MET A 15 3.37 -6.94 -0.44
C MET A 15 4.60 -6.08 -0.69
N PHE A 16 5.57 -6.13 0.22
CA PHE A 16 6.79 -5.35 0.04
C PHE A 16 7.60 -5.83 -1.15
N GLU A 17 7.72 -7.16 -1.33
CA GLU A 17 8.42 -7.66 -2.50
C GLU A 17 7.64 -7.35 -3.77
N LEU A 18 6.31 -7.35 -3.70
CA LEU A 18 5.51 -6.93 -4.85
C LEU A 18 5.67 -5.44 -5.12
N SER A 19 5.79 -4.64 -4.05
CA SER A 19 6.02 -3.22 -4.24
C SER A 19 7.39 -2.94 -4.84
N ASP A 20 8.39 -3.76 -4.47
CA ASP A 20 9.72 -3.59 -5.03
C ASP A 20 9.75 -3.94 -6.52
N LYS A 21 9.04 -5.01 -6.90
CA LYS A 21 8.92 -5.33 -8.32
C LYS A 21 8.18 -4.23 -9.06
N TYR A 22 7.17 -3.65 -8.44
CA TYR A 22 6.44 -2.54 -9.07
C TYR A 22 7.36 -1.36 -9.34
N ARG A 23 8.26 -1.06 -8.40
CA ARG A 23 9.18 0.06 -8.59
C ARG A 23 10.16 -0.21 -9.72
N GLU A 24 10.65 -1.45 -9.84
CA GLU A 24 11.55 -1.78 -10.94
C GLU A 24 10.84 -1.68 -12.27
N LEU A 25 9.59 -2.16 -12.34
CA LEU A 25 8.82 -2.03 -13.57
C LEU A 25 8.59 -0.57 -13.91
N ARG A 26 8.28 0.25 -12.91
CA ARG A 26 8.15 1.69 -13.13
C ARG A 26 9.44 2.27 -13.69
N LYS A 27 10.58 1.81 -13.18
CA LYS A 27 11.88 2.19 -13.73
C LYS A 27 11.99 1.78 -15.19
N GLU A 28 11.72 0.50 -15.49
CA GLU A 28 11.78 0.02 -16.87
C GLU A 28 10.82 0.79 -17.77
N LEU A 29 9.64 1.12 -17.25
CA LEU A 29 8.66 1.85 -18.05
C LEU A 29 9.19 3.22 -18.42
N ARG A 30 9.84 3.91 -17.49
CA ARG A 30 10.41 5.22 -17.78
C ARG A 30 11.50 5.13 -18.84
N LYS A 31 12.41 4.17 -18.69
CA LYS A 31 13.49 4.02 -19.67
C LYS A 31 12.94 3.61 -21.04
N ALA A 32 11.86 2.84 -21.07
CA ALA A 32 11.26 2.46 -22.35
C ALA A 32 10.69 3.68 -23.07
N ILE A 33 10.04 4.59 -22.33
CA ILE A 33 9.54 5.81 -22.93
C ILE A 33 10.71 6.69 -23.39
N GLU A 34 11.73 6.83 -22.55
CA GLU A 34 12.86 7.70 -22.88
C GLU A 34 13.56 7.23 -24.15
N SER A 35 13.56 5.94 -24.43
CA SER A 35 14.24 5.39 -25.60
C SER A 35 13.31 5.18 -26.79
N GLY A 36 12.02 5.48 -26.64
CA GLY A 36 11.08 5.32 -27.75
C GLY A 36 10.70 3.89 -28.05
N ALA A 37 10.56 3.06 -27.02
CA ALA A 37 10.19 1.66 -27.21
C ALA A 37 8.80 1.56 -27.86
N PRO A 38 8.52 0.48 -28.58
CA PRO A 38 7.20 0.34 -29.21
C PRO A 38 6.08 0.30 -28.18
N GLU A 39 4.86 0.53 -28.66
CA GLU A 39 3.72 0.64 -27.75
C GLU A 39 3.43 -0.67 -27.05
N GLU A 40 3.54 -1.80 -27.75
CA GLU A 40 3.28 -3.08 -27.10
C GLU A 40 4.31 -3.38 -26.01
N GLU A 41 5.53 -2.88 -26.15
CA GLU A 41 6.51 -3.03 -25.08
C GLU A 41 6.06 -2.30 -23.82
N LEU A 42 5.47 -1.11 -23.99
CA LEU A 42 4.93 -0.40 -22.84
C LEU A 42 3.70 -1.08 -22.29
N ARG A 43 2.84 -1.61 -23.17
CA ARG A 43 1.65 -2.30 -22.70
C ARG A 43 2.02 -3.48 -21.80
N GLU A 44 3.00 -4.29 -22.23
CA GLU A 44 3.41 -5.45 -21.44
C GLU A 44 3.97 -5.02 -20.08
N LEU A 45 4.72 -3.92 -20.04
CA LEU A 45 5.18 -3.39 -18.76
C LEU A 45 4.00 -2.92 -17.92
N LEU A 46 3.03 -2.25 -18.54
CA LEU A 46 1.86 -1.80 -17.80
C LEU A 46 1.01 -2.97 -17.34
N GLU A 47 0.91 -4.03 -18.16
CA GLU A 47 0.15 -5.20 -17.75
C GLU A 47 0.75 -5.84 -16.51
N LYS A 48 2.08 -5.99 -16.47
CA LYS A 48 2.73 -6.57 -15.30
C LYS A 48 2.46 -5.73 -14.05
N MET A 49 2.52 -4.41 -14.18
CA MET A 49 2.19 -3.56 -13.05
C MET A 49 0.73 -3.74 -12.63
N LEU A 50 -0.18 -3.89 -13.60
CA LEU A 50 -1.57 -4.17 -13.25
C LEU A 50 -1.70 -5.48 -12.50
N GLU A 51 -0.99 -6.52 -12.94
CA GLU A 51 -1.04 -7.80 -12.22
C GLU A 51 -0.51 -7.66 -10.81
N ILE A 52 0.51 -6.81 -10.61
CA ILE A 52 0.98 -6.54 -9.26
C ILE A 52 -0.10 -5.86 -8.44
N ALA A 53 -0.77 -4.86 -9.04
CA ALA A 53 -1.84 -4.16 -8.35
C ALA A 53 -2.94 -5.12 -7.92
N LYS A 54 -3.27 -6.10 -8.76
CA LYS A 54 -4.32 -7.06 -8.42
C LYS A 54 -3.87 -8.03 -7.34
N LYS A 55 -2.60 -8.45 -7.38
CA LYS A 55 -2.07 -9.30 -6.32
C LYS A 55 -1.99 -8.55 -5.00
N LEU A 56 -1.64 -7.26 -5.05
CA LEU A 56 -1.67 -6.45 -3.84
C LEU A 56 -3.07 -6.40 -3.24
N LEU A 57 -4.09 -6.19 -4.08
CA LEU A 57 -5.46 -6.15 -3.59
C LEU A 57 -5.84 -7.47 -2.94
N GLU A 58 -5.49 -8.59 -3.57
CA GLU A 58 -5.78 -9.91 -3.00
C GLU A 58 -5.11 -10.07 -1.65
N LEU A 59 -3.86 -9.61 -1.51
CA LEU A 59 -3.17 -9.70 -0.24
C LEU A 59 -3.83 -8.82 0.81
N THR A 60 -4.19 -7.59 0.43
CA THR A 60 -4.81 -6.67 1.38
C THR A 60 -6.14 -7.24 1.89
N LYS A 61 -6.93 -7.85 1.02
CA LYS A 61 -8.15 -8.52 1.46
C LYS A 61 -7.83 -9.68 2.39
N GLU A 62 -6.74 -10.42 2.11
CA GLU A 62 -6.32 -11.48 3.03
C GLU A 62 -5.86 -10.89 4.36
N LEU A 63 -5.06 -9.82 4.30
CA LEU A 63 -4.61 -9.15 5.51
C LEU A 63 -5.81 -8.69 6.35
N LYS A 64 -6.85 -8.19 5.68
CA LYS A 64 -8.03 -7.69 6.41
C LYS A 64 -8.73 -8.80 7.17
N LYS A 65 -8.86 -9.98 6.56
CA LYS A 65 -9.51 -11.09 7.24
C LYS A 65 -8.74 -11.51 8.48
N LEU A 66 -7.41 -11.53 8.39
CA LEU A 66 -6.60 -11.90 9.55
C LEU A 66 -6.71 -10.87 10.66
N VAL A 67 -6.85 -9.59 10.31
CA VAL A 67 -7.01 -8.57 11.33
C VAL A 67 -8.37 -8.70 12.02
N GLU A 68 -9.41 -9.02 11.25
CA GLU A 68 -10.72 -9.28 11.84
C GLU A 68 -10.66 -10.42 12.85
N ASP A 69 -9.84 -11.43 12.58
CA ASP A 69 -9.67 -12.53 13.53
C ASP A 69 -8.93 -12.07 14.77
N VAL A 70 -7.93 -11.20 14.61
CA VAL A 70 -7.22 -10.67 15.76
C VAL A 70 -8.12 -9.76 16.59
N LEU A 71 -8.91 -8.91 15.91
CA LEU A 71 -9.80 -8.00 16.64
C LEU A 71 -10.92 -8.74 17.36
N LYS A 72 -11.24 -9.96 16.93
CA LYS A 72 -12.33 -10.72 17.56
C LYS A 72 -11.85 -11.61 18.69
N ASN A 73 -10.60 -12.07 18.65
CA ASN A 73 -10.11 -13.06 19.61
C ASN A 73 -9.06 -12.54 20.57
N ASN A 74 -8.20 -11.62 20.15
CA ASN A 74 -7.06 -11.21 20.96
C ASN A 74 -7.53 -10.31 22.11
N PRO A 75 -7.29 -10.69 23.37
CA PRO A 75 -7.70 -9.82 24.48
C PRO A 75 -6.79 -8.62 24.66
N ASP A 76 -5.60 -8.63 24.09
CA ASP A 76 -4.64 -7.56 24.30
C ASP A 76 -4.99 -6.38 23.40
N PRO A 77 -5.33 -5.21 23.96
CA PRO A 77 -5.64 -4.06 23.10
C PRO A 77 -4.44 -3.56 22.31
N VAL A 78 -3.22 -3.69 22.85
CA VAL A 78 -2.04 -3.25 22.10
C VAL A 78 -1.75 -4.19 20.94
N GLU A 79 -2.02 -5.49 21.11
CA GLU A 79 -1.86 -6.43 20.01
C GLU A 79 -2.92 -6.20 18.94
N ARG A 80 -4.16 -5.90 19.36
CA ARG A 80 -5.19 -5.56 18.37
C ARG A 80 -4.82 -4.30 17.61
N ALA A 81 -4.29 -3.30 18.31
CA ALA A 81 -3.89 -2.07 17.64
C ALA A 81 -2.75 -2.31 16.66
N LYS A 82 -1.79 -3.15 17.03
CA LYS A 82 -0.70 -3.46 16.12
C LYS A 82 -1.19 -4.19 14.87
N ALA A 83 -2.22 -5.01 15.01
CA ALA A 83 -2.79 -5.69 13.85
C ALA A 83 -3.36 -4.68 12.86
N VAL A 84 -4.10 -3.69 13.37
CA VAL A 84 -4.67 -2.67 12.49
C VAL A 84 -3.57 -1.79 11.91
N LEU A 85 -2.52 -1.51 12.69
CA LEU A 85 -1.41 -0.72 12.17
C LEU A 85 -0.70 -1.45 11.04
N LEU A 86 -0.52 -2.76 11.17
CA LEU A 86 0.08 -3.54 10.09
C LEU A 86 -0.84 -3.56 8.86
N TYR A 87 -2.14 -3.75 9.08
CA TYR A 87 -3.08 -3.72 7.97
C TYR A 87 -3.12 -2.35 7.29
N ALA A 88 -2.94 -1.28 8.07
CA ALA A 88 -2.89 0.05 7.48
C ALA A 88 -1.70 0.21 6.55
N VAL A 89 -0.58 -0.43 6.88
CA VAL A 89 0.58 -0.38 5.98
C VAL A 89 0.26 -1.10 4.68
N GLY A 90 -0.38 -2.27 4.77
CA GLY A 90 -0.75 -2.97 3.55
C GLY A 90 -1.67 -2.15 2.67
N VAL A 91 -2.69 -1.53 3.28
CA VAL A 91 -3.61 -0.69 2.51
C VAL A 91 -2.85 0.47 1.88
N HIS A 92 -1.88 1.03 2.60
CA HIS A 92 -1.05 2.09 2.04
C HIS A 92 -0.32 1.62 0.79
N ILE A 93 0.29 0.44 0.86
CA ILE A 93 1.01 -0.10 -0.30
C ILE A 93 0.04 -0.28 -1.46
N LEU A 94 -1.13 -0.85 -1.19
CA LEU A 94 -2.11 -1.10 -2.25
C LEU A 94 -2.55 0.21 -2.89
N TYR A 95 -2.91 1.21 -2.06
CA TYR A 95 -3.40 2.46 -2.62
C TYR A 95 -2.30 3.18 -3.39
N SER A 96 -1.08 3.22 -2.83
CA SER A 96 0.01 3.95 -3.46
C SER A 96 0.27 3.48 -4.88
N GLU A 97 0.40 2.16 -5.07
CA GLU A 97 0.76 1.67 -6.39
C GLU A 97 -0.45 1.67 -7.34
N SER A 98 -1.64 1.32 -6.85
CA SER A 98 -2.80 1.29 -7.73
C SER A 98 -3.20 2.69 -8.18
N SER A 99 -3.15 3.67 -7.26
CA SER A 99 -3.47 5.05 -7.63
C SER A 99 -2.49 5.59 -8.65
N GLU A 100 -1.20 5.30 -8.47
CA GLU A 100 -0.20 5.78 -9.42
C GLU A 100 -0.32 5.07 -10.76
N LEU A 101 -0.53 3.75 -10.74
CA LEU A 101 -0.69 3.01 -11.99
C LEU A 101 -1.85 3.56 -12.81
N GLU A 102 -2.94 3.93 -12.15
CA GLU A 102 -4.06 4.55 -12.86
C GLU A 102 -3.62 5.86 -13.51
N VAL A 103 -2.89 6.70 -12.77
CA VAL A 103 -2.45 7.97 -13.30
C VAL A 103 -1.44 7.77 -14.43
N ILE A 104 -0.52 6.83 -14.25
CA ILE A 104 0.46 6.53 -15.30
C ILE A 104 -0.24 6.07 -16.57
N ALA A 105 -1.14 5.10 -16.44
CA ALA A 105 -1.83 4.57 -17.62
C ALA A 105 -2.65 5.65 -18.31
N GLU A 106 -3.24 6.57 -17.54
CA GLU A 106 -4.03 7.65 -18.13
C GLU A 106 -3.13 8.61 -18.90
N ARG A 107 -2.00 9.00 -18.32
CA ARG A 107 -1.10 9.94 -18.99
C ARG A 107 -0.54 9.35 -20.28
N LEU A 108 -0.26 8.04 -20.29
CA LEU A 108 0.27 7.41 -21.49
C LEU A 108 -0.81 7.10 -22.52
N GLY A 109 -2.08 7.10 -22.12
CA GLY A 109 -3.17 6.88 -23.05
C GLY A 109 -3.67 5.46 -23.15
N PHE A 110 -3.51 4.67 -22.09
CA PHE A 110 -3.97 3.27 -22.06
C PHE A 110 -5.24 3.22 -21.22
N LYS A 111 -6.38 3.45 -21.87
CA LYS A 111 -7.65 3.53 -21.13
C LYS A 111 -8.01 2.19 -20.51
N ASP A 112 -7.75 1.09 -21.22
CA ASP A 112 -8.06 -0.24 -20.68
C ASP A 112 -7.37 -0.46 -19.34
N ILE A 113 -6.06 -0.22 -19.29
CA ILE A 113 -5.30 -0.44 -18.07
C ILE A 113 -5.61 0.63 -17.04
N ALA A 114 -5.91 1.85 -17.48
CA ALA A 114 -6.28 2.91 -16.53
C ALA A 114 -7.60 2.61 -15.85
N GLU A 115 -8.58 2.10 -16.62
CA GLU A 115 -9.88 1.77 -16.03
C GLU A 115 -9.77 0.65 -15.01
N LYS A 116 -9.00 -0.39 -15.32
CA LYS A 116 -8.84 -1.51 -14.39
C LYS A 116 -8.09 -1.06 -13.14
N ALA A 117 -6.99 -0.33 -13.32
CA ALA A 117 -6.26 0.20 -12.16
C ALA A 117 -7.15 1.12 -11.34
N LYS A 118 -7.95 1.94 -12.00
CA LYS A 118 -8.87 2.83 -11.29
C LYS A 118 -9.83 2.03 -10.40
N GLU A 119 -10.29 0.87 -10.87
CA GLU A 119 -11.20 0.06 -10.07
C GLU A 119 -10.52 -0.42 -8.79
N ILE A 120 -9.24 -0.79 -8.88
CA ILE A 120 -8.51 -1.22 -7.70
C ILE A 120 -8.27 -0.04 -6.76
N ALA A 121 -7.90 1.11 -7.33
CA ALA A 121 -7.67 2.30 -6.51
C ALA A 121 -8.94 2.71 -5.77
N ASP A 122 -10.08 2.65 -6.44
CA ASP A 122 -11.34 3.01 -5.78
C ASP A 122 -11.65 2.05 -4.64
N LYS A 123 -11.40 0.75 -4.84
CA LYS A 123 -11.58 -0.20 -3.74
C LYS A 123 -10.56 0.05 -2.64
N ALA A 124 -9.31 0.33 -3.00
CA ALA A 124 -8.30 0.65 -2.00
C ALA A 124 -8.67 1.92 -1.23
N ARG A 125 -9.30 2.89 -1.91
CA ARG A 125 -9.68 4.12 -1.24
C ARG A 125 -10.71 3.88 -0.15
N GLU A 126 -11.69 3.00 -0.41
CA GLU A 126 -12.66 2.68 0.63
C GLU A 126 -12.00 1.91 1.76
N LEU A 127 -10.99 1.08 1.46
CA LEU A 127 -10.24 0.41 2.52
C LEU A 127 -9.44 1.42 3.33
N LYS A 128 -8.81 2.39 2.66
CA LYS A 128 -8.06 3.42 3.35
C LYS A 128 -8.96 4.20 4.30
N GLU A 129 -10.15 4.58 3.85
CA GLU A 129 -11.07 5.32 4.71
C GLU A 129 -11.52 4.48 5.89
N GLU A 130 -11.73 3.18 5.67
CA GLU A 130 -12.19 2.33 6.77
C GLU A 130 -11.10 2.15 7.82
N VAL A 131 -9.85 1.93 7.39
CA VAL A 131 -8.78 1.74 8.35
C VAL A 131 -8.42 3.05 9.04
N LYS A 132 -8.64 4.19 8.37
CA LYS A 132 -8.41 5.47 9.03
C LYS A 132 -9.37 5.68 10.18
N ARG A 133 -10.64 5.28 10.03
CA ARG A 133 -11.58 5.35 11.13
C ARG A 133 -11.13 4.49 12.30
N LYS A 134 -10.66 3.27 12.03
CA LYS A 134 -10.18 2.42 13.10
C LYS A 134 -8.92 2.97 13.73
N LEU A 135 -8.05 3.59 12.93
CA LEU A 135 -6.82 4.18 13.47
C LEU A 135 -7.13 5.31 14.43
N ARG A 136 -8.09 6.18 14.07
CA ARG A 136 -8.46 7.27 14.97
C ARG A 136 -9.10 6.73 16.24
N GLU A 137 -9.85 5.63 16.13
CA GLU A 137 -10.44 5.03 17.32
C GLU A 137 -9.38 4.41 18.22
N ILE A 138 -8.24 4.03 17.66
CA ILE A 138 -7.15 3.48 18.47
C ILE A 138 -6.48 4.58 19.28
N ARG A 139 -6.27 5.76 18.67
CA ARG A 139 -5.69 6.87 19.39
C ARG A 139 -6.55 7.28 20.58
N GLU A 140 -7.87 7.16 20.46
CA GLU A 140 -8.77 7.55 21.52
C GLU A 140 -8.94 6.47 22.58
N GLU A 141 -8.70 5.20 22.23
CA GLU A 141 -8.99 4.09 23.12
C GLU A 141 -7.76 3.48 23.76
N VAL A 142 -6.62 3.49 23.09
CA VAL A 142 -5.39 2.88 23.60
C VAL A 142 -4.55 3.97 24.25
N PRO A 143 -4.23 3.87 25.55
CA PRO A 143 -3.45 4.94 26.19
C PRO A 143 -1.97 4.92 25.84
N ASP A 144 -1.47 3.85 25.22
CA ASP A 144 -0.05 3.69 24.96
C ASP A 144 0.47 4.83 24.09
N PRO A 145 1.41 5.64 24.57
CA PRO A 145 1.88 6.78 23.75
C PRO A 145 2.49 6.37 22.43
N GLU A 146 3.26 5.27 22.39
CA GLU A 146 3.88 4.86 21.14
C GLU A 146 2.86 4.25 20.18
N ILE A 147 1.83 3.57 20.70
CA ILE A 147 0.78 3.06 19.83
C ILE A 147 -0.10 4.22 19.35
N ARG A 148 -0.37 5.19 20.22
CA ARG A 148 -1.07 6.39 19.77
C ARG A 148 -0.24 7.15 18.75
N LYS A 149 1.06 7.29 19.00
CA LYS A 149 1.94 7.94 18.02
C LYS A 149 1.96 7.17 16.71
N ALA A 150 2.01 5.84 16.78
CA ALA A 150 2.06 5.04 15.56
C ALA A 150 0.79 5.19 14.74
N ALA A 151 -0.37 5.22 15.41
CA ALA A 151 -1.63 5.42 14.71
C ALA A 151 -1.63 6.77 13.99
N GLU A 152 -1.07 7.80 14.62
CA GLU A 152 -0.97 9.11 13.98
C GLU A 152 -0.14 9.04 12.70
N GLU A 153 1.03 8.40 12.77
CA GLU A 153 1.90 8.33 11.59
C GLU A 153 1.27 7.50 10.48
N ALA A 154 0.62 6.39 10.84
CA ALA A 154 -0.01 5.55 9.82
C ALA A 154 -1.14 6.30 9.11
N ILE A 155 -1.83 7.20 9.81
CA ILE A 155 -2.78 8.08 9.15
C ILE A 155 -2.06 9.01 8.18
N GLU A 156 -1.03 9.70 8.66
CA GLU A 156 -0.23 10.56 7.78
C GLU A 156 0.30 9.79 6.58
N MET A 157 0.74 8.56 6.81
CA MET A 157 1.20 7.72 5.71
C MET A 157 0.10 7.54 4.67
N LEU A 158 -1.08 7.10 5.12
CA LEU A 158 -2.19 6.86 4.19
C LEU A 158 -2.60 8.12 3.45
N GLU A 159 -2.56 9.27 4.13
CA GLU A 159 -2.95 10.53 3.51
C GLU A 159 -1.87 11.09 2.58
N SER A 160 -0.63 10.56 2.65
CA SER A 160 0.45 11.09 1.85
C SER A 160 0.25 10.82 0.35
N ASN A 161 -0.53 9.80 -0.01
CA ASN A 161 -0.76 9.51 -1.42
C ASN A 161 -1.60 10.60 -2.07
N ASP A 162 -2.74 10.92 -1.46
CA ASP A 162 -3.69 11.85 -2.06
C ASP A 162 -3.15 13.28 -2.13
N LYS A 163 -2.08 13.60 -1.41
CA LYS A 163 -1.52 14.94 -1.49
C LYS A 163 -0.88 15.19 -2.86
N ARG A 164 -0.08 14.24 -3.32
CA ARG A 164 0.59 14.39 -4.61
C ARG A 164 -0.40 14.25 -5.77
N LEU A 165 -1.42 13.41 -5.60
CA LEU A 165 -2.40 13.17 -6.66
C LEU A 165 -3.27 14.41 -6.93
N GLY B 1 2.94 15.83 -12.21
CA GLY B 1 4.29 15.49 -11.82
C GLY B 1 4.40 14.15 -11.12
N PHE B 2 5.32 13.31 -11.59
CA PHE B 2 5.52 11.98 -11.04
C PHE B 2 6.71 11.98 -10.08
N THR B 3 6.55 11.30 -8.95
CA THR B 3 7.60 11.26 -7.94
C THR B 3 8.79 10.45 -8.45
N SER B 4 9.98 10.87 -8.03
CA SER B 4 11.21 10.27 -8.53
C SER B 4 11.36 8.83 -8.05
N ASP B 5 12.22 8.09 -8.75
CA ASP B 5 12.49 6.70 -8.38
C ASP B 5 12.98 6.60 -6.94
N TYR B 6 13.85 7.51 -6.52
CA TYR B 6 14.40 7.45 -5.17
C TYR B 6 13.36 7.84 -4.13
N SER B 7 12.52 8.83 -4.43
CA SER B 7 11.45 9.21 -3.51
C SER B 7 10.48 8.04 -3.33
N LYS B 8 10.19 7.31 -4.40
CA LYS B 8 9.40 6.09 -4.28
C LYS B 8 10.08 5.07 -3.37
N TYR B 9 11.41 4.96 -3.49
CA TYR B 9 12.17 4.03 -2.65
C TYR B 9 12.15 4.45 -1.20
N LEU B 10 12.21 5.77 -0.93
CA LEU B 10 12.14 6.25 0.45
C LEU B 10 10.79 5.90 1.09
N ASP B 11 9.70 6.09 0.36
CA ASP B 11 8.38 5.75 0.89
C ASP B 11 8.29 4.28 1.27
N SER B 12 8.89 3.41 0.46
CA SER B 12 8.91 1.99 0.80
C SER B 12 9.81 1.73 2.00
N ARG B 13 10.96 2.40 2.07
CA ARG B 13 11.85 2.23 3.21
C ARG B 13 11.19 2.68 4.51
N ARG B 14 10.48 3.82 4.48
CA ARG B 14 9.79 4.29 5.68
C ARG B 14 8.73 3.31 6.13
N ALA B 15 7.92 2.81 5.19
CA ALA B 15 6.89 1.83 5.54
C ALA B 15 7.51 0.56 6.09
N GLN B 16 8.62 0.10 5.50
CA GLN B 16 9.29 -1.08 6.02
C GLN B 16 9.88 -0.82 7.42
N ASP B 17 10.52 0.34 7.60
CA ASP B 17 11.03 0.68 8.93
C ASP B 17 9.90 0.80 9.94
N PHE B 18 8.74 1.28 9.51
CA PHE B 18 7.58 1.36 10.38
C PHE B 18 7.12 -0.03 10.80
N VAL B 19 6.98 -0.94 9.83
CA VAL B 19 6.58 -2.32 10.14
C VAL B 19 7.64 -3.00 11.01
N GLN B 20 8.92 -2.74 10.72
CA GLN B 20 9.98 -3.31 11.54
C GLN B 20 9.92 -2.79 12.98
N TRP B 21 9.52 -1.52 13.15
CA TRP B 21 9.36 -0.98 14.49
C TRP B 21 8.24 -1.69 15.25
N LEU B 22 7.15 -2.02 14.55
CA LEU B 22 5.98 -2.59 15.21
C LEU B 22 6.28 -3.96 15.82
N MET B 23 7.11 -4.76 15.16
CA MET B 23 7.37 -6.13 15.58
C MET B 23 8.56 -6.24 16.52
N ASN B 24 9.24 -5.14 16.82
CA ASN B 24 10.31 -5.12 17.80
C ASN B 24 10.02 -4.15 18.94
N THR B 25 8.77 -3.74 19.09
CA THR B 25 8.36 -2.84 20.16
C THR B 25 7.50 -3.56 21.19
#